data_3OL4
#
_entry.id   3OL4
#
_cell.length_a   71.210
_cell.length_b   72.690
_cell.length_c   45.130
_cell.angle_alpha   90.000
_cell.angle_beta   90.000
_cell.angle_gamma   90.000
#
_symmetry.space_group_name_H-M   'P 21 21 2'
#
loop_
_entity.id
_entity.type
_entity.pdbx_description
1 polymer 'Putative uncharacterized protein'
2 water water
#
_entity_poly.entity_id   1
_entity_poly.type   'polypeptide(L)'
_entity_poly.pdbx_seq_one_letter_code
;GPGSMTETTTTFMDNVLGWLHKGYPEGVPPKDYFALLALLKRSLTEDEVVRAAQAILRSTDGQSPVTDDDIRNAVHQIIE
KEPTAEEINQVAARLASVGWPLAVPVR
;
_entity_poly.pdbx_strand_id   A,B
#
# COMPACT_ATOMS: atom_id res chain seq x y z
N THR A 9 -8.94 3.61 8.70
CA THR A 9 -9.06 4.08 7.29
C THR A 9 -8.79 5.57 7.22
N THR A 10 -9.71 6.37 7.80
CA THR A 10 -9.53 7.83 7.96
C THR A 10 -8.49 8.12 9.05
N THR A 11 -8.46 7.26 10.06
CA THR A 11 -7.42 7.24 11.08
C THR A 11 -6.01 6.94 10.50
N PHE A 12 -5.94 5.99 9.57
CA PHE A 12 -4.70 5.63 8.88
C PHE A 12 -4.17 6.83 8.07
N MET A 13 -5.05 7.43 7.28
CA MET A 13 -4.69 8.63 6.51
C MET A 13 -4.28 9.82 7.39
N ASP A 14 -5.02 10.04 8.49
CA ASP A 14 -4.63 11.08 9.46
C ASP A 14 -3.18 10.92 9.91
N ASN A 15 -2.83 9.68 10.20
CA ASN A 15 -1.49 9.31 10.66
C ASN A 15 -0.37 9.52 9.64
N VAL A 16 -0.58 9.02 8.43
CA VAL A 16 0.44 9.19 7.36
C VAL A 16 0.58 10.67 6.95
N LEU A 17 -0.56 11.34 6.83
CA LEU A 17 -0.61 12.74 6.49
C LEU A 17 0.08 13.59 7.57
N GLY A 18 -0.21 13.23 8.83
CA GLY A 18 0.40 13.83 9.98
C GLY A 18 1.90 13.66 9.92
N TRP A 19 2.34 12.42 9.71
CA TRP A 19 3.78 12.14 9.50
C TRP A 19 4.41 12.91 8.34
N LEU A 20 3.73 12.92 7.18
CA LEU A 20 4.25 13.58 5.97
C LEU A 20 4.40 15.10 6.11
N HIS A 21 3.41 15.75 6.70
CA HIS A 21 3.47 17.19 6.96
C HIS A 21 4.53 17.51 8.03
N LYS A 22 4.56 16.73 9.11
CA LYS A 22 5.57 16.96 10.17
C LYS A 22 6.98 16.79 9.60
N GLY A 23 7.18 15.75 8.79
CA GLY A 23 8.47 15.45 8.15
C GLY A 23 8.85 16.51 7.12
N TYR A 24 7.88 16.97 6.36
CA TYR A 24 8.16 17.92 5.30
C TYR A 24 7.21 19.11 5.33
N PRO A 25 7.44 20.04 6.27
CA PRO A 25 6.52 21.16 6.42
C PRO A 25 6.47 22.03 5.16
N GLU A 26 7.52 21.98 4.35
CA GLU A 26 7.65 22.88 3.21
C GLU A 26 7.68 22.21 1.83
N GLY A 27 7.32 20.94 1.76
CA GLY A 27 7.28 20.24 0.48
C GLY A 27 8.22 19.06 0.53
N VAL A 28 7.97 18.07 -0.35
CA VAL A 28 8.86 16.91 -0.44
C VAL A 28 9.74 17.18 -1.63
N PRO A 29 11.07 17.31 -1.39
CA PRO A 29 12.06 17.51 -2.47
C PRO A 29 12.24 16.21 -3.27
N PRO A 30 12.44 16.32 -4.60
CA PRO A 30 12.64 15.14 -5.49
C PRO A 30 13.74 14.16 -4.97
N LYS A 31 14.79 14.73 -4.36
CA LYS A 31 15.88 13.92 -3.80
CA LYS A 31 15.89 13.96 -3.76
C LYS A 31 15.35 12.89 -2.80
N ASP A 32 14.19 13.15 -2.20
CA ASP A 32 13.58 12.20 -1.28
C ASP A 32 12.47 11.28 -1.83
N TYR A 33 12.30 11.22 -3.15
CA TYR A 33 11.16 10.47 -3.71
C TYR A 33 11.29 8.95 -3.64
N PHE A 34 12.45 8.39 -4.00
CA PHE A 34 12.58 6.95 -3.79
C PHE A 34 12.38 6.62 -2.32
N ALA A 35 13.02 7.41 -1.46
CA ALA A 35 12.97 7.20 -0.02
C ALA A 35 11.52 7.22 0.48
N LEU A 36 10.74 8.14 -0.04
CA LEU A 36 9.36 8.27 0.44
C LEU A 36 8.52 7.04 0.03
N LEU A 37 8.58 6.66 -1.24
CA LEU A 37 7.77 5.50 -1.67
C LEU A 37 8.18 4.23 -0.98
N ALA A 38 9.48 4.07 -0.76
CA ALA A 38 9.97 2.89 -0.07
C ALA A 38 9.45 2.88 1.36
N LEU A 39 9.48 4.04 2.02
CA LEU A 39 8.94 4.15 3.36
C LEU A 39 7.47 3.79 3.40
N LEU A 40 6.70 4.30 2.44
CA LEU A 40 5.26 4.06 2.44
C LEU A 40 4.88 2.61 2.19
N LYS A 41 5.76 1.87 1.50
CA LYS A 41 5.51 0.48 1.17
C LYS A 41 6.17 -0.43 2.18
N ARG A 42 6.92 0.13 3.11
CA ARG A 42 7.67 -0.70 4.03
C ARG A 42 6.69 -1.56 4.86
N SER A 43 7.03 -2.81 5.09
CA SER A 43 6.16 -3.69 5.90
C SER A 43 6.98 -4.67 6.73
N LEU A 44 6.36 -5.18 7.80
CA LEU A 44 6.96 -6.26 8.56
C LEU A 44 6.92 -7.56 7.77
N THR A 45 7.95 -8.40 7.93
CA THR A 45 7.91 -9.76 7.43
C THR A 45 6.95 -10.57 8.31
N GLU A 46 6.51 -11.71 7.82
CA GLU A 46 5.66 -12.60 8.60
C GLU A 46 6.32 -12.92 9.94
N ASP A 47 7.62 -13.24 9.93
CA ASP A 47 8.32 -13.59 11.16
C ASP A 47 8.27 -12.43 12.15
N GLU A 48 8.42 -11.19 11.67
CA GLU A 48 8.29 -10.02 12.52
C GLU A 48 6.86 -9.82 13.06
N VAL A 49 5.84 -10.00 12.22
CA VAL A 49 4.42 -9.95 12.69
C VAL A 49 4.13 -10.98 13.81
N VAL A 50 4.61 -12.20 13.58
CA VAL A 50 4.45 -13.26 14.59
C VAL A 50 5.11 -12.85 15.90
N ARG A 51 6.34 -12.36 15.78
CA ARG A 51 7.13 -12.04 16.98
C ARG A 51 6.47 -10.89 17.73
N ALA A 52 6.00 -9.86 17.02
CA ALA A 52 5.31 -8.72 17.67
C ALA A 52 4.02 -9.15 18.36
N ALA A 53 3.23 -9.99 17.66
CA ALA A 53 1.93 -10.44 18.20
C ALA A 53 2.18 -11.26 19.46
N GLN A 54 3.12 -12.20 19.39
CA GLN A 54 3.47 -13.05 20.53
C GLN A 54 3.90 -12.22 21.74
N ALA A 55 4.81 -11.27 21.51
CA ALA A 55 5.31 -10.39 22.57
C ALA A 55 4.16 -9.64 23.24
N ILE A 56 3.22 -9.12 22.43
CA ILE A 56 2.10 -8.37 22.97
C ILE A 56 1.19 -9.28 23.81
N LEU A 57 0.85 -10.44 23.27
CA LEU A 57 0.03 -11.44 23.96
C LEU A 57 0.67 -11.95 25.24
N ARG A 58 1.97 -12.22 25.21
CA ARG A 58 2.68 -12.63 26.44
C ARG A 58 2.56 -11.59 27.55
N SER A 59 2.34 -10.32 27.20
CA SER A 59 2.39 -9.23 28.18
C SER A 59 1.06 -8.49 28.44
N THR A 60 -0.05 -9.02 27.94
CA THR A 60 -1.36 -8.38 28.14
C THR A 60 -2.41 -9.40 28.58
N ASP A 61 -3.52 -8.93 29.16
CA ASP A 61 -4.59 -9.88 29.52
C ASP A 61 -5.99 -9.64 28.91
N GLY A 62 -6.16 -8.59 28.11
CA GLY A 62 -7.46 -8.32 27.49
C GLY A 62 -8.29 -7.25 28.16
N GLN A 63 -8.07 -7.05 29.46
CA GLN A 63 -8.73 -5.98 30.23
C GLN A 63 -8.39 -4.60 29.70
N SER A 64 -7.24 -4.51 29.06
CA SER A 64 -6.77 -3.26 28.50
C SER A 64 -6.58 -3.40 27.00
N PRO A 65 -7.50 -2.84 26.22
CA PRO A 65 -7.42 -2.85 24.77
C PRO A 65 -6.05 -2.38 24.30
N VAL A 66 -5.38 -3.23 23.52
CA VAL A 66 -4.04 -2.93 23.00
C VAL A 66 -4.15 -1.67 22.17
N THR A 67 -3.34 -0.67 22.51
CA THR A 67 -3.40 0.62 21.80
C THR A 67 -2.38 0.62 20.68
N ASP A 68 -2.51 1.59 19.77
CA ASP A 68 -1.48 1.84 18.75
C ASP A 68 -0.07 2.07 19.35
N ASP A 69 0.03 2.80 20.46
CA ASP A 69 1.32 2.97 21.17
C ASP A 69 1.93 1.66 21.66
N ASP A 70 1.11 0.79 22.26
CA ASP A 70 1.54 -0.55 22.67
C ASP A 70 2.12 -1.34 21.50
N ILE A 71 1.46 -1.26 20.35
CA ILE A 71 1.94 -1.97 19.15
C ILE A 71 3.24 -1.31 18.65
N ARG A 72 3.22 0.02 18.59
CA ARG A 72 4.42 0.79 18.23
C ARG A 72 5.65 0.38 19.04
N ASN A 73 5.47 0.30 20.37
CA ASN A 73 6.56 -0.08 21.27
C ASN A 73 7.08 -1.47 20.97
N ALA A 74 6.16 -2.42 20.79
CA ALA A 74 6.56 -3.79 20.49
C ALA A 74 7.28 -3.88 19.15
N VAL A 75 6.74 -3.22 18.13
CA VAL A 75 7.37 -3.26 16.81
C VAL A 75 8.74 -2.55 16.81
N HIS A 76 8.83 -1.43 17.52
CA HIS A 76 10.08 -0.65 17.60
C HIS A 76 11.19 -1.53 18.17
N GLN A 77 10.86 -2.31 19.19
CA GLN A 77 11.80 -3.24 19.83
C GLN A 77 12.38 -4.21 18.80
N ILE A 78 11.57 -4.61 17.82
CA ILE A 78 11.94 -5.62 16.81
C ILE A 78 12.76 -5.02 15.66
N ILE A 79 12.26 -3.94 15.06
CA ILE A 79 12.88 -3.38 13.87
C ILE A 79 13.92 -2.30 14.20
N GLU A 80 14.00 -1.93 15.48
CA GLU A 80 14.98 -0.94 15.96
C GLU A 80 14.91 0.39 15.18
N LYS A 81 13.70 0.81 14.85
CA LYS A 81 13.46 2.10 14.21
C LYS A 81 11.99 2.43 14.38
N GLU A 82 11.61 3.65 14.01
CA GLU A 82 10.25 4.09 14.23
C GLU A 82 9.33 3.33 13.26
N PRO A 83 8.29 2.65 13.81
CA PRO A 83 7.39 1.87 12.92
C PRO A 83 6.50 2.75 12.05
N THR A 84 6.14 2.28 10.85
CA THR A 84 5.17 3.01 10.07
C THR A 84 3.74 2.60 10.45
N ALA A 85 2.76 3.30 9.88
CA ALA A 85 1.34 2.99 10.11
C ALA A 85 0.99 1.62 9.56
N GLU A 86 1.59 1.25 8.43
CA GLU A 86 1.34 -0.10 7.84
C GLU A 86 1.77 -1.23 8.75
N GLU A 87 2.97 -1.05 9.33
CA GLU A 87 3.57 -2.04 10.22
C GLU A 87 2.70 -2.19 11.46
N ILE A 88 2.24 -1.07 12.04
CA ILE A 88 1.33 -1.12 13.20
CA ILE A 88 1.33 -1.10 13.18
C ILE A 88 0.07 -1.87 12.81
N ASN A 89 -0.49 -1.50 11.67
CA ASN A 89 -1.70 -2.12 11.19
C ASN A 89 -1.57 -3.62 10.98
N GLN A 90 -0.43 -4.07 10.43
CA GLN A 90 -0.19 -5.49 10.25
C GLN A 90 -0.34 -6.29 11.56
N VAL A 91 0.22 -5.74 12.63
CA VAL A 91 0.13 -6.35 13.95
C VAL A 91 -1.26 -6.27 14.53
N ALA A 92 -1.92 -5.13 14.36
CA ALA A 92 -3.32 -5.02 14.83
C ALA A 92 -4.23 -6.10 14.18
N ALA A 93 -4.04 -6.31 12.87
CA ALA A 93 -4.80 -7.32 12.12
C ALA A 93 -4.50 -8.72 12.63
N ARG A 94 -3.24 -8.98 12.96
CA ARG A 94 -2.84 -10.28 13.48
C ARG A 94 -3.47 -10.52 14.84
N LEU A 95 -3.45 -9.51 15.71
CA LEU A 95 -4.16 -9.57 17.01
C LEU A 95 -5.68 -9.75 16.86
N ALA A 96 -6.27 -9.04 15.91
CA ALA A 96 -7.69 -9.20 15.67
C ALA A 96 -8.03 -10.64 15.24
N SER A 97 -7.09 -11.32 14.52
CA SER A 97 -7.35 -12.67 13.98
C SER A 97 -7.43 -13.70 15.11
N VAL A 98 -6.97 -13.30 16.29
CA VAL A 98 -7.10 -14.17 17.47
C VAL A 98 -8.00 -13.55 18.52
N GLY A 99 -8.80 -12.57 18.08
CA GLY A 99 -9.84 -11.95 18.89
C GLY A 99 -9.31 -11.11 20.05
N TRP A 100 -8.08 -10.61 19.93
CA TRP A 100 -7.51 -9.83 21.03
C TRP A 100 -8.02 -8.40 21.07
N PRO A 101 -8.43 -7.92 22.25
CA PRO A 101 -8.99 -6.58 22.33
C PRO A 101 -8.03 -5.48 21.86
N LEU A 102 -8.55 -4.58 21.04
CA LEU A 102 -7.79 -3.48 20.51
C LEU A 102 -8.51 -2.20 20.82
N ALA A 103 -7.75 -1.20 21.25
CA ALA A 103 -8.28 0.15 21.47
C ALA A 103 -8.90 0.71 20.19
N VAL A 104 -8.18 0.60 19.09
CA VAL A 104 -8.67 1.04 17.79
C VAL A 104 -9.25 -0.14 17.01
N THR B 10 10.92 -4.20 -8.30
CA THR B 10 11.84 -3.15 -8.83
C THR B 10 11.21 -2.39 -10.01
N THR B 11 10.48 -3.11 -10.87
CA THR B 11 9.77 -2.48 -11.99
C THR B 11 8.61 -1.64 -11.46
N PHE B 12 7.78 -2.24 -10.61
CA PHE B 12 6.68 -1.51 -9.97
C PHE B 12 7.18 -0.19 -9.34
N MET B 13 8.20 -0.29 -8.50
CA MET B 13 8.76 0.89 -7.85
C MET B 13 9.28 1.95 -8.85
N ASP B 14 9.94 1.47 -9.92
CA ASP B 14 10.46 2.33 -10.98
C ASP B 14 9.34 3.01 -11.72
N ASN B 15 8.21 2.30 -11.85
CA ASN B 15 7.04 2.87 -12.46
C ASN B 15 6.48 4.02 -11.60
N VAL B 16 6.26 3.76 -10.31
CA VAL B 16 5.63 4.75 -9.42
C VAL B 16 6.62 5.92 -9.18
N LEU B 17 7.89 5.58 -9.06
CA LEU B 17 8.92 6.61 -8.90
C LEU B 17 9.01 7.55 -10.13
N GLY B 18 8.95 6.95 -11.33
CA GLY B 18 8.87 7.73 -12.58
C GLY B 18 7.69 8.70 -12.57
N TRP B 19 6.51 8.14 -12.25
CA TRP B 19 5.26 8.89 -12.16
C TRP B 19 5.38 10.08 -11.19
N LEU B 20 5.96 9.83 -10.05
CA LEU B 20 6.05 10.88 -9.05
C LEU B 20 7.00 12.04 -9.52
N HIS B 21 8.19 11.66 -9.99
CA HIS B 21 9.14 12.60 -10.60
C HIS B 21 8.53 13.41 -11.78
N LYS B 22 7.74 12.73 -12.61
CA LYS B 22 7.08 13.40 -13.71
C LYS B 22 5.99 14.36 -13.21
N GLY B 23 5.11 13.84 -12.36
CA GLY B 23 4.06 14.62 -11.72
C GLY B 23 4.59 15.85 -11.00
N TYR B 24 5.68 15.70 -10.25
CA TYR B 24 6.15 16.81 -9.41
C TYR B 24 7.65 17.12 -9.58
N PRO B 25 8.03 17.67 -10.75
CA PRO B 25 9.41 17.90 -11.10
C PRO B 25 10.13 18.81 -10.09
N GLU B 26 9.37 19.58 -9.32
CA GLU B 26 9.99 20.59 -8.47
C GLU B 26 9.85 20.34 -6.97
N GLY B 27 9.09 19.30 -6.61
CA GLY B 27 8.75 19.06 -5.21
C GLY B 27 7.26 18.86 -5.11
N VAL B 28 6.86 18.07 -4.12
CA VAL B 28 5.44 17.87 -3.87
C VAL B 28 5.03 18.93 -2.87
N PRO B 29 4.12 19.82 -3.29
CA PRO B 29 3.76 20.86 -2.34
C PRO B 29 2.84 20.26 -1.29
N PRO B 30 2.97 20.70 -0.03
CA PRO B 30 2.10 20.18 1.02
C PRO B 30 0.61 20.19 0.62
N LYS B 31 0.22 21.09 -0.29
CA LYS B 31 -1.19 21.20 -0.72
C LYS B 31 -1.65 19.91 -1.40
N ASP B 32 -0.72 19.20 -2.05
CA ASP B 32 -1.08 17.94 -2.75
C ASP B 32 -0.89 16.63 -1.97
N TYR B 33 -0.46 16.74 -0.71
CA TYR B 33 -0.17 15.55 0.14
C TYR B 33 -1.35 14.58 0.24
N PHE B 34 -2.53 15.11 0.59
CA PHE B 34 -3.69 14.26 0.73
C PHE B 34 -4.02 13.59 -0.61
N ALA B 35 -4.08 14.38 -1.68
CA ALA B 35 -4.37 13.86 -3.04
C ALA B 35 -3.40 12.75 -3.40
N LEU B 36 -2.12 12.98 -3.22
CA LEU B 36 -1.06 11.97 -3.49
C LEU B 36 -1.20 10.66 -2.68
N LEU B 37 -1.36 10.79 -1.36
CA LEU B 37 -1.50 9.63 -0.49
C LEU B 37 -2.77 8.87 -0.79
N ALA B 38 -3.86 9.57 -1.05
CA ALA B 38 -5.12 8.91 -1.32
C ALA B 38 -5.02 8.13 -2.65
N LEU B 39 -4.33 8.70 -3.64
CA LEU B 39 -4.12 8.06 -4.93
C LEU B 39 -3.19 6.85 -4.79
N LEU B 40 -2.13 7.01 -3.99
CA LEU B 40 -1.20 5.92 -3.75
C LEU B 40 -1.83 4.75 -3.02
N LYS B 41 -2.79 5.03 -2.14
CA LYS B 41 -3.47 4.02 -1.34
C LYS B 41 -4.65 3.32 -2.08
N ARG B 42 -5.13 3.93 -3.17
CA ARG B 42 -6.35 3.48 -3.82
C ARG B 42 -6.15 2.09 -4.43
N SER B 43 -7.18 1.27 -4.35
CA SER B 43 -7.14 -0.08 -4.94
C SER B 43 -8.50 -0.51 -5.46
N LEU B 44 -8.50 -1.46 -6.38
CA LEU B 44 -9.74 -2.05 -6.87
C LEU B 44 -10.30 -2.98 -5.81
N THR B 45 -11.64 -3.05 -5.73
CA THR B 45 -12.31 -4.06 -4.95
C THR B 45 -12.14 -5.44 -5.61
N GLU B 46 -12.41 -6.48 -4.84
CA GLU B 46 -12.36 -7.84 -5.39
C GLU B 46 -13.24 -7.93 -6.64
N ASP B 47 -14.47 -7.42 -6.57
CA ASP B 47 -15.39 -7.50 -7.73
C ASP B 47 -14.85 -6.77 -8.98
N GLU B 48 -14.18 -5.64 -8.76
CA GLU B 48 -13.54 -4.91 -9.85
C GLU B 48 -12.39 -5.68 -10.48
N VAL B 49 -11.60 -6.36 -9.65
CA VAL B 49 -10.46 -7.18 -10.15
C VAL B 49 -10.98 -8.35 -11.03
N VAL B 50 -11.99 -9.07 -10.54
CA VAL B 50 -12.66 -10.11 -11.30
C VAL B 50 -13.15 -9.56 -12.65
N ARG B 51 -13.80 -8.41 -12.63
CA ARG B 51 -14.39 -7.87 -13.84
C ARG B 51 -13.33 -7.48 -14.88
N ALA B 52 -12.24 -6.89 -14.39
CA ALA B 52 -11.16 -6.46 -15.29
C ALA B 52 -10.45 -7.67 -15.91
N ALA B 53 -10.17 -8.67 -15.09
CA ALA B 53 -9.53 -9.92 -15.57
C ALA B 53 -10.43 -10.57 -16.63
N GLN B 54 -11.71 -10.70 -16.30
CA GLN B 54 -12.72 -11.19 -17.25
C GLN B 54 -12.68 -10.45 -18.58
N ALA B 55 -12.64 -9.12 -18.53
CA ALA B 55 -12.64 -8.32 -19.76
C ALA B 55 -11.44 -8.64 -20.63
N ILE B 56 -10.25 -8.71 -20.01
CA ILE B 56 -9.02 -9.10 -20.72
C ILE B 56 -9.16 -10.51 -21.31
N LEU B 57 -9.65 -11.44 -20.50
CA LEU B 57 -9.79 -12.80 -20.93
C LEU B 57 -10.80 -12.90 -22.08
N ARG B 58 -11.79 -12.03 -22.10
CA ARG B 58 -12.71 -12.01 -23.24
C ARG B 58 -12.13 -11.46 -24.53
N SER B 59 -11.05 -10.71 -24.45
CA SER B 59 -10.57 -10.00 -25.63
C SER B 59 -9.17 -10.40 -26.10
N THR B 60 -8.61 -11.44 -25.49
CA THR B 60 -7.23 -11.90 -25.81
C THR B 60 -7.21 -13.41 -25.91
N ASP B 61 -6.25 -13.96 -26.66
CA ASP B 61 -6.26 -15.39 -26.97
C ASP B 61 -5.42 -16.28 -26.03
N GLY B 62 -4.57 -15.68 -25.20
CA GLY B 62 -3.75 -16.46 -24.27
C GLY B 62 -2.33 -16.68 -24.74
N GLN B 63 -2.00 -16.09 -25.89
CA GLN B 63 -0.65 -16.16 -26.45
C GLN B 63 0.03 -14.78 -26.53
N SER B 64 -0.64 -13.80 -27.11
CA SER B 64 -0.10 -12.43 -27.11
C SER B 64 -0.05 -11.90 -25.69
N PRO B 65 1.13 -11.44 -25.25
CA PRO B 65 1.26 -10.87 -23.93
C PRO B 65 0.34 -9.66 -23.69
N VAL B 66 -0.36 -9.69 -22.58
CA VAL B 66 -1.17 -8.56 -22.16
C VAL B 66 -0.26 -7.41 -21.67
N THR B 67 -0.46 -6.22 -22.21
CA THR B 67 0.38 -5.07 -21.83
C THR B 67 -0.22 -4.26 -20.69
N ASP B 68 0.60 -3.39 -20.09
CA ASP B 68 0.07 -2.43 -19.12
C ASP B 68 -1.06 -1.63 -19.69
N ASP B 69 -0.92 -1.22 -20.94
CA ASP B 69 -1.97 -0.48 -21.64
C ASP B 69 -3.26 -1.24 -21.80
N ASP B 70 -3.19 -2.52 -22.20
CA ASP B 70 -4.42 -3.32 -22.28
C ASP B 70 -5.14 -3.30 -20.95
N ILE B 71 -4.39 -3.46 -19.87
CA ILE B 71 -4.99 -3.57 -18.55
C ILE B 71 -5.51 -2.21 -18.13
N ARG B 72 -4.72 -1.16 -18.39
CA ARG B 72 -5.15 0.19 -18.06
CA ARG B 72 -5.12 0.23 -18.12
C ARG B 72 -6.50 0.50 -18.71
N ASN B 73 -6.62 0.18 -20.01
CA ASN B 73 -7.85 0.42 -20.75
C ASN B 73 -9.00 -0.35 -20.15
N ALA B 74 -8.77 -1.62 -19.80
CA ALA B 74 -9.82 -2.45 -19.22
C ALA B 74 -10.25 -1.88 -17.88
N VAL B 75 -9.28 -1.47 -17.06
CA VAL B 75 -9.61 -0.89 -15.74
C VAL B 75 -10.32 0.48 -15.87
N HIS B 76 -9.86 1.31 -16.79
CA HIS B 76 -10.46 2.62 -17.01
C HIS B 76 -11.97 2.47 -17.34
N GLN B 77 -12.29 1.56 -18.24
CA GLN B 77 -13.69 1.27 -18.57
C GLN B 77 -14.52 0.95 -17.34
N ILE B 78 -13.91 0.27 -16.38
CA ILE B 78 -14.63 -0.12 -15.17
C ILE B 78 -14.76 0.98 -14.10
N ILE B 79 -13.66 1.69 -13.81
CA ILE B 79 -13.67 2.66 -12.71
C ILE B 79 -13.98 4.09 -13.15
N GLU B 80 -13.78 4.36 -14.45
CA GLU B 80 -14.14 5.63 -15.10
C GLU B 80 -13.29 6.81 -14.69
N LYS B 81 -12.00 6.55 -14.56
CA LYS B 81 -11.00 7.53 -14.15
C LYS B 81 -9.67 6.86 -14.48
N GLU B 82 -8.58 7.62 -14.47
CA GLU B 82 -7.24 7.09 -14.75
C GLU B 82 -6.82 6.03 -13.70
N PRO B 83 -6.51 4.79 -14.13
CA PRO B 83 -6.07 3.75 -13.16
C PRO B 83 -4.72 4.06 -12.56
N THR B 84 -4.44 3.53 -11.38
CA THR B 84 -3.13 3.70 -10.77
C THR B 84 -2.33 2.42 -11.05
N ALA B 85 -1.01 2.48 -10.82
CA ALA B 85 -0.12 1.32 -10.95
C ALA B 85 -0.56 0.15 -10.10
N GLU B 86 -1.00 0.44 -8.87
CA GLU B 86 -1.45 -0.64 -7.98
C GLU B 86 -2.66 -1.36 -8.58
N GLU B 87 -3.60 -0.58 -9.11
CA GLU B 87 -4.85 -1.10 -9.65
C GLU B 87 -4.54 -2.00 -10.86
N ILE B 88 -3.61 -1.54 -11.70
CA ILE B 88 -3.12 -2.31 -12.82
C ILE B 88 -2.42 -3.61 -12.38
N ASN B 89 -1.59 -3.53 -11.34
CA ASN B 89 -0.91 -4.69 -10.82
C ASN B 89 -1.89 -5.74 -10.23
N GLN B 90 -2.95 -5.28 -9.58
CA GLN B 90 -3.99 -6.21 -9.05
C GLN B 90 -4.57 -7.08 -10.16
N VAL B 91 -4.91 -6.47 -11.29
CA VAL B 91 -5.37 -7.24 -12.47
C VAL B 91 -4.28 -8.14 -13.09
N ALA B 92 -3.04 -7.65 -13.20
CA ALA B 92 -1.96 -8.46 -13.74
C ALA B 92 -1.75 -9.74 -12.90
N ALA B 93 -1.78 -9.60 -11.57
CA ALA B 93 -1.63 -10.73 -10.67
C ALA B 93 -2.77 -11.71 -10.84
N ARG B 94 -4.01 -11.23 -10.99
CA ARG B 94 -5.15 -12.13 -11.16
C ARG B 94 -5.03 -12.89 -12.49
N LEU B 95 -4.57 -12.20 -13.52
CA LEU B 95 -4.34 -12.86 -14.82
C LEU B 95 -3.24 -13.90 -14.71
N ALA B 96 -2.18 -13.57 -13.99
CA ALA B 96 -1.09 -14.53 -13.79
C ALA B 96 -1.59 -15.80 -13.10
N SER B 97 -2.62 -15.67 -12.27
CA SER B 97 -3.16 -16.82 -11.51
C SER B 97 -3.90 -17.81 -12.42
N VAL B 98 -4.22 -17.38 -13.65
CA VAL B 98 -4.76 -18.32 -14.66
C VAL B 98 -3.77 -18.51 -15.84
N GLY B 99 -2.50 -18.17 -15.63
CA GLY B 99 -1.40 -18.42 -16.58
C GLY B 99 -1.52 -17.54 -17.81
N TRP B 100 -2.16 -16.39 -17.67
CA TRP B 100 -2.31 -15.53 -18.86
C TRP B 100 -1.00 -14.74 -19.05
N PRO B 101 -0.50 -14.65 -20.29
CA PRO B 101 0.83 -14.04 -20.46
C PRO B 101 0.81 -12.54 -20.28
N LEU B 102 1.86 -12.02 -19.65
CA LEU B 102 1.99 -10.59 -19.39
C LEU B 102 3.27 -10.02 -20.03
N ALA B 103 3.11 -8.89 -20.72
CA ALA B 103 4.26 -8.16 -21.28
C ALA B 103 5.30 -7.85 -20.20
N VAL B 104 4.81 -7.35 -19.06
CA VAL B 104 5.59 -7.16 -17.83
C VAL B 104 5.09 -8.12 -16.73
#